data_3HV1
#
_entry.id   3HV1
#
_cell.length_a   47.559
_cell.length_b   78.563
_cell.length_c   80.030
_cell.angle_alpha   90.00
_cell.angle_beta   105.41
_cell.angle_gamma   90.00
#
_symmetry.space_group_name_H-M   'P 1 21 1'
#
loop_
_entity.id
_entity.type
_entity.pdbx_description
1 polymer 'Polar amino acid ABC uptake transporter substrate binding protein'
2 water water
#
_entity_poly.entity_id   1
_entity_poly.type   'polypeptide(L)'
_entity_poly.pdbx_seq_one_letter_code
;(MSE)SLRSHFATQKDQWQTYTKEKKIKIGFDATFVP(MSE)GYEEKDGSYIGFDIDLANAVFKLYGIDVEWQAIDWD
(MSE)KETELKNGTIDLIWNGYSVTDERKQSADFTEPY(MSE)VNEQVLVTKKSSGIDSVAG(MSE)AGKTLGAQAGSSG
YDAFNASPKILKDVVANQKVVQYSTFTQALIDLNSGRIDGLLIDRVYANYYLEKSGVLDQYNV(MSE)PAGYEGESFAVG
ARKVDKTLIKKINQGFETLYKNGEFQKISNKWFGEDVATDQVKGKREGHHHHHH
;
_entity_poly.pdbx_strand_id   A,B
#
# COMPACT_ATOMS: atom_id res chain seq x y z
N ARG A 4 -20.19 -29.48 -7.19
CA ARG A 4 -19.34 -28.58 -6.34
C ARG A 4 -19.53 -28.87 -4.85
N SER A 5 -18.42 -28.86 -4.12
CA SER A 5 -18.44 -29.14 -2.69
C SER A 5 -19.31 -28.20 -1.86
N HIS A 6 -19.97 -28.77 -0.86
CA HIS A 6 -20.85 -28.01 0.05
C HIS A 6 -20.01 -27.00 0.83
N PHE A 7 -18.73 -27.29 0.99
CA PHE A 7 -17.82 -26.41 1.73
C PHE A 7 -16.84 -25.66 0.82
N ALA A 8 -17.18 -25.54 -0.45
CA ALA A 8 -16.34 -24.83 -1.40
C ALA A 8 -15.96 -23.46 -0.85
N THR A 9 -16.96 -22.74 -0.37
CA THR A 9 -16.78 -21.42 0.19
C THR A 9 -15.79 -21.43 1.35
N GLN A 10 -15.60 -22.60 1.94
CA GLN A 10 -14.72 -22.78 3.09
C GLN A 10 -13.24 -22.92 2.76
N LYS A 11 -12.91 -23.14 1.49
CA LYS A 11 -11.50 -23.32 1.16
C LYS A 11 -10.96 -22.59 -0.05
N ASP A 12 -9.66 -22.71 -0.23
CA ASP A 12 -8.94 -22.10 -1.34
C ASP A 12 -9.30 -22.86 -2.61
N GLN A 13 -10.10 -22.25 -3.46
CA GLN A 13 -10.54 -22.90 -4.69
C GLN A 13 -9.75 -22.61 -5.95
N TRP A 14 -8.52 -22.13 -5.84
CA TRP A 14 -7.76 -21.84 -7.05
C TRP A 14 -7.74 -23.07 -7.96
N GLN A 15 -7.59 -24.25 -7.35
CA GLN A 15 -7.57 -25.49 -8.09
C GLN A 15 -8.86 -25.72 -8.86
N THR A 16 -9.98 -25.36 -8.25
CA THR A 16 -11.27 -25.51 -8.89
C THR A 16 -11.45 -24.50 -10.02
N TYR A 17 -11.14 -23.24 -9.76
CA TYR A 17 -11.27 -22.21 -10.79
C TYR A 17 -10.51 -22.58 -12.06
N THR A 18 -9.26 -23.01 -11.91
CA THR A 18 -8.46 -23.38 -13.05
C THR A 18 -9.00 -24.64 -13.70
N LYS A 19 -9.40 -25.60 -12.87
CA LYS A 19 -9.94 -26.85 -13.37
C LYS A 19 -11.25 -26.65 -14.13
N GLU A 20 -12.20 -25.97 -13.51
CA GLU A 20 -13.49 -25.72 -14.16
C GLU A 20 -13.35 -24.61 -15.18
N LYS A 21 -12.20 -23.93 -15.16
CA LYS A 21 -11.94 -22.83 -16.08
C LYS A 21 -13.06 -21.81 -16.00
N LYS A 22 -13.47 -21.51 -14.77
CA LYS A 22 -14.55 -20.57 -14.54
C LYS A 22 -14.46 -19.91 -13.17
N ILE A 23 -14.93 -18.68 -13.10
CA ILE A 23 -14.97 -17.92 -11.87
C ILE A 23 -16.13 -16.96 -12.06
N LYS A 24 -16.88 -16.69 -10.99
CA LYS A 24 -18.03 -15.79 -11.09
C LYS A 24 -17.74 -14.49 -10.35
N ILE A 25 -18.01 -13.38 -11.01
CA ILE A 25 -17.75 -12.07 -10.43
C ILE A 25 -19.03 -11.24 -10.36
N GLY A 26 -19.27 -10.68 -9.18
CA GLY A 26 -20.45 -9.87 -8.98
C GLY A 26 -20.17 -8.40 -9.17
N PHE A 27 -21.13 -7.68 -9.75
CA PHE A 27 -20.99 -6.25 -9.99
C PHE A 27 -22.33 -5.55 -9.95
N ASP A 28 -22.28 -4.24 -9.75
CA ASP A 28 -23.46 -3.40 -9.73
C ASP A 28 -23.71 -2.99 -11.18
N ALA A 29 -24.78 -3.50 -11.79
CA ALA A 29 -25.11 -3.22 -13.19
C ALA A 29 -25.34 -1.76 -13.57
N THR A 30 -25.34 -0.87 -12.60
CA THR A 30 -25.56 0.54 -12.90
C THR A 30 -24.28 1.35 -12.73
N PHE A 31 -23.19 0.72 -12.31
CA PHE A 31 -21.97 1.46 -12.06
C PHE A 31 -21.06 1.85 -13.23
N VAL A 32 -21.50 2.82 -14.02
CA VAL A 32 -20.71 3.33 -15.14
C VAL A 32 -19.54 4.07 -14.48
N PRO A 33 -18.32 3.96 -15.03
CA PRO A 33 -17.92 3.19 -16.20
C PRO A 33 -17.16 1.91 -15.82
N GLY A 35 -18.39 -1.11 -14.55
CA GLY A 35 -19.04 -2.33 -15.00
C GLY A 35 -20.52 -2.02 -15.00
N TYR A 36 -21.15 -2.14 -16.16
CA TYR A 36 -22.56 -1.82 -16.24
C TYR A 36 -23.26 -2.47 -17.43
N GLU A 37 -24.58 -2.48 -17.36
CA GLU A 37 -25.39 -3.06 -18.43
C GLU A 37 -25.75 -1.95 -19.41
N GLU A 38 -25.46 -2.18 -20.68
CA GLU A 38 -25.77 -1.20 -21.72
C GLU A 38 -27.22 -1.34 -22.16
N LYS A 39 -27.63 -0.46 -23.06
CA LYS A 39 -28.99 -0.48 -23.58
C LYS A 39 -29.28 -1.85 -24.20
N ASP A 40 -28.35 -2.31 -25.03
CA ASP A 40 -28.51 -3.60 -25.71
C ASP A 40 -28.44 -4.81 -24.81
N GLY A 41 -28.22 -4.58 -23.51
CA GLY A 41 -28.16 -5.70 -22.57
C GLY A 41 -26.79 -6.27 -22.25
N SER A 42 -25.77 -5.84 -22.98
CA SER A 42 -24.42 -6.32 -22.73
C SER A 42 -23.83 -5.71 -21.45
N TYR A 43 -22.81 -6.38 -20.89
CA TYR A 43 -22.13 -5.87 -19.70
C TYR A 43 -20.77 -5.39 -20.17
N ILE A 44 -20.45 -4.14 -19.90
CA ILE A 44 -19.18 -3.57 -20.32
C ILE A 44 -18.61 -2.66 -19.25
N GLY A 45 -17.34 -2.32 -19.36
CA GLY A 45 -16.75 -1.42 -18.38
C GLY A 45 -15.28 -1.65 -18.19
N PHE A 46 -14.61 -0.72 -17.51
CA PHE A 46 -13.19 -0.86 -17.27
C PHE A 46 -12.89 -2.15 -16.50
N ASP A 47 -13.61 -2.37 -15.41
CA ASP A 47 -13.39 -3.54 -14.59
C ASP A 47 -13.69 -4.83 -15.33
N ILE A 48 -14.69 -4.81 -16.20
CA ILE A 48 -15.02 -6.00 -16.96
C ILE A 48 -13.86 -6.29 -17.92
N ASP A 49 -13.36 -5.27 -18.61
CA ASP A 49 -12.23 -5.53 -19.49
C ASP A 49 -11.01 -5.98 -18.70
N LEU A 50 -10.75 -5.32 -17.58
CA LEU A 50 -9.59 -5.64 -16.76
C LEU A 50 -9.63 -7.07 -16.23
N ALA A 51 -10.75 -7.44 -15.61
CA ALA A 51 -10.93 -8.78 -15.05
C ALA A 51 -10.88 -9.85 -16.14
N ASN A 52 -11.51 -9.58 -17.28
CA ASN A 52 -11.50 -10.55 -18.36
C ASN A 52 -10.08 -10.79 -18.81
N ALA A 53 -9.30 -9.71 -18.89
CA ALA A 53 -7.91 -9.80 -19.33
C ALA A 53 -7.06 -10.59 -18.35
N VAL A 54 -7.26 -10.35 -17.06
CA VAL A 54 -6.52 -11.05 -16.02
C VAL A 54 -6.81 -12.56 -16.08
N PHE A 55 -8.09 -12.92 -16.19
CA PHE A 55 -8.40 -14.33 -16.19
C PHE A 55 -8.11 -15.04 -17.50
N LYS A 56 -8.01 -14.26 -18.58
CA LYS A 56 -7.69 -14.86 -19.87
C LYS A 56 -6.27 -15.40 -19.78
N LEU A 57 -5.44 -14.78 -18.93
CA LEU A 57 -4.06 -15.22 -18.74
C LEU A 57 -3.99 -16.64 -18.21
N TYR A 58 -5.00 -17.00 -17.43
CA TYR A 58 -5.06 -18.30 -16.80
C TYR A 58 -6.02 -19.27 -17.47
N GLY A 59 -6.60 -18.85 -18.59
CA GLY A 59 -7.54 -19.71 -19.29
C GLY A 59 -8.80 -19.91 -18.48
N ILE A 60 -9.21 -18.87 -17.75
CA ILE A 60 -10.41 -18.95 -16.94
C ILE A 60 -11.45 -18.00 -17.49
N ASP A 61 -12.63 -18.53 -17.80
CA ASP A 61 -13.74 -17.74 -18.32
C ASP A 61 -14.44 -17.09 -17.13
N VAL A 62 -14.88 -15.86 -17.33
CA VAL A 62 -15.55 -15.11 -16.28
C VAL A 62 -17.06 -15.06 -16.47
N GLU A 63 -17.76 -15.44 -15.41
CA GLU A 63 -19.23 -15.41 -15.41
C GLU A 63 -19.59 -14.12 -14.68
N TRP A 64 -20.08 -13.14 -15.42
CA TRP A 64 -20.44 -11.87 -14.81
C TRP A 64 -21.86 -11.89 -14.26
N GLN A 65 -21.98 -11.64 -12.97
CA GLN A 65 -23.28 -11.66 -12.30
C GLN A 65 -23.70 -10.30 -11.75
N ALA A 66 -24.73 -9.71 -12.33
CA ALA A 66 -25.23 -8.43 -11.83
C ALA A 66 -25.87 -8.77 -10.48
N ILE A 67 -25.53 -8.03 -9.44
CA ILE A 67 -26.08 -8.33 -8.12
C ILE A 67 -26.70 -7.11 -7.44
N ASP A 68 -27.45 -7.35 -6.37
CA ASP A 68 -28.00 -6.26 -5.59
C ASP A 68 -26.73 -5.85 -4.84
N TRP A 69 -26.20 -4.67 -5.16
CA TRP A 69 -24.95 -4.22 -4.54
C TRP A 69 -24.90 -4.29 -3.02
N ASP A 70 -26.01 -3.97 -2.36
CA ASP A 70 -26.05 -4.01 -0.89
C ASP A 70 -25.76 -5.42 -0.38
N LYS A 72 -23.61 -7.54 -1.70
CA LYS A 72 -22.32 -8.03 -2.17
C LYS A 72 -21.51 -8.89 -1.22
N GLU A 73 -21.33 -8.47 0.04
CA GLU A 73 -20.55 -9.29 0.96
C GLU A 73 -21.26 -10.60 1.26
N THR A 74 -22.58 -10.55 1.34
CA THR A 74 -23.35 -11.75 1.60
C THR A 74 -23.19 -12.72 0.43
N GLU A 75 -23.34 -12.21 -0.79
CA GLU A 75 -23.20 -13.02 -1.99
C GLU A 75 -21.83 -13.69 -2.03
N LEU A 76 -20.81 -12.96 -1.62
CA LEU A 76 -19.44 -13.46 -1.61
C LEU A 76 -19.23 -14.57 -0.59
N LYS A 77 -19.70 -14.32 0.63
CA LYS A 77 -19.57 -15.32 1.68
C LYS A 77 -20.51 -16.50 1.44
N ASN A 78 -21.63 -16.26 0.77
CA ASN A 78 -22.59 -17.32 0.47
C ASN A 78 -22.13 -18.23 -0.66
N GLY A 79 -21.18 -17.74 -1.45
CA GLY A 79 -20.66 -18.52 -2.55
C GLY A 79 -21.41 -18.27 -3.83
N THR A 80 -22.31 -17.28 -3.81
CA THR A 80 -23.11 -16.92 -4.97
C THR A 80 -22.20 -16.24 -6.02
N ILE A 81 -21.09 -15.68 -5.54
CA ILE A 81 -20.10 -15.04 -6.39
C ILE A 81 -18.75 -15.35 -5.77
N ASP A 82 -17.69 -15.22 -6.56
CA ASP A 82 -16.35 -15.53 -6.09
C ASP A 82 -15.51 -14.27 -5.87
N LEU A 83 -15.93 -13.16 -6.47
CA LEU A 83 -15.22 -11.90 -6.35
C LEU A 83 -16.16 -10.72 -6.49
N ILE A 84 -15.84 -9.65 -5.78
CA ILE A 84 -16.57 -8.41 -5.83
C ILE A 84 -15.60 -7.51 -6.60
N TRP A 85 -15.92 -7.19 -7.84
CA TRP A 85 -15.04 -6.40 -8.69
C TRP A 85 -15.92 -5.42 -9.49
N ASN A 86 -16.01 -4.19 -9.00
CA ASN A 86 -16.85 -3.17 -9.64
C ASN A 86 -16.59 -1.86 -8.87
N GLY A 87 -15.36 -1.37 -8.94
CA GLY A 87 -15.02 -0.14 -8.23
C GLY A 87 -15.17 -0.36 -6.72
N TYR A 88 -14.76 -1.53 -6.27
CA TYR A 88 -14.83 -1.89 -4.86
C TYR A 88 -13.57 -1.37 -4.16
N SER A 89 -13.60 -1.23 -2.84
CA SER A 89 -12.42 -0.74 -2.12
C SER A 89 -12.36 -1.23 -0.68
N VAL A 90 -11.20 -1.08 -0.06
CA VAL A 90 -11.01 -1.52 1.31
C VAL A 90 -11.63 -0.59 2.35
N THR A 91 -12.20 -1.21 3.39
CA THR A 91 -12.79 -0.51 4.53
C THR A 91 -12.65 -1.55 5.62
N ASP A 92 -12.55 -1.11 6.88
CA ASP A 92 -12.43 -2.05 7.98
C ASP A 92 -13.63 -2.98 8.03
N GLU A 93 -14.80 -2.47 7.68
CA GLU A 93 -16.03 -3.26 7.70
C GLU A 93 -15.93 -4.36 6.66
N ARG A 94 -15.54 -3.98 5.44
CA ARG A 94 -15.42 -4.94 4.36
C ARG A 94 -14.33 -5.96 4.64
N LYS A 95 -13.29 -5.54 5.35
CA LYS A 95 -12.21 -6.46 5.68
C LYS A 95 -12.69 -7.55 6.62
N GLN A 96 -13.80 -7.32 7.30
CA GLN A 96 -14.33 -8.33 8.20
C GLN A 96 -14.95 -9.44 7.36
N SER A 97 -15.30 -9.13 6.11
CA SER A 97 -15.91 -10.10 5.22
C SER A 97 -15.03 -10.58 4.07
N ALA A 98 -13.93 -9.88 3.78
CA ALA A 98 -13.09 -10.31 2.67
C ALA A 98 -11.65 -9.86 2.68
N ASP A 99 -10.86 -10.47 1.80
CA ASP A 99 -9.45 -10.15 1.62
C ASP A 99 -9.35 -9.42 0.29
N PHE A 100 -8.45 -8.45 0.21
CA PHE A 100 -8.30 -7.61 -0.98
C PHE A 100 -7.02 -7.78 -1.77
N THR A 101 -7.13 -7.55 -3.08
CA THR A 101 -5.95 -7.59 -3.93
C THR A 101 -5.35 -6.21 -3.67
N GLU A 102 -4.20 -5.97 -4.28
CA GLU A 102 -3.55 -4.67 -4.21
C GLU A 102 -4.46 -3.74 -5.02
N PRO A 103 -4.37 -2.42 -4.81
CA PRO A 103 -5.23 -1.51 -5.58
C PRO A 103 -4.75 -1.39 -7.03
N TYR A 104 -5.69 -1.34 -7.98
CA TYR A 104 -5.28 -1.22 -9.38
C TYR A 104 -5.46 0.20 -9.96
N VAL A 106 -6.61 4.60 -8.66
CA VAL A 106 -7.08 5.55 -7.67
C VAL A 106 -8.14 6.47 -8.24
N ASN A 107 -9.23 6.62 -7.51
CA ASN A 107 -10.27 7.52 -7.92
C ASN A 107 -10.27 8.66 -6.91
N GLU A 108 -10.42 9.87 -7.40
CA GLU A 108 -10.42 11.03 -6.53
C GLU A 108 -11.07 12.17 -7.30
N GLN A 109 -11.40 13.24 -6.58
CA GLN A 109 -12.01 14.39 -7.22
C GLN A 109 -10.94 15.07 -8.06
N VAL A 110 -11.30 15.46 -9.27
CA VAL A 110 -10.37 16.17 -10.15
C VAL A 110 -11.02 17.48 -10.55
N LEU A 111 -10.20 18.50 -10.76
CA LEU A 111 -10.68 19.79 -11.19
C LEU A 111 -10.51 19.79 -12.70
N VAL A 112 -11.58 20.06 -13.43
CA VAL A 112 -11.52 20.06 -14.88
C VAL A 112 -11.72 21.46 -15.43
N THR A 113 -10.82 21.87 -16.32
CA THR A 113 -10.95 23.18 -16.93
C THR A 113 -10.57 23.01 -18.38
N LYS A 114 -11.02 23.94 -19.22
CA LYS A 114 -10.66 23.88 -20.62
C LYS A 114 -9.21 24.36 -20.70
N LYS A 115 -8.41 23.76 -21.56
CA LYS A 115 -7.03 24.20 -21.69
C LYS A 115 -6.99 25.65 -22.15
N SER A 116 -8.03 26.05 -22.90
CA SER A 116 -8.13 27.42 -23.42
C SER A 116 -8.36 28.45 -22.32
N SER A 117 -8.74 27.99 -21.13
CA SER A 117 -8.99 28.91 -20.02
C SER A 117 -7.71 29.44 -19.39
N GLY A 118 -6.63 28.69 -19.54
CA GLY A 118 -5.36 29.08 -18.96
C GLY A 118 -5.23 28.65 -17.50
N ILE A 119 -6.30 28.06 -16.97
CA ILE A 119 -6.29 27.62 -15.57
C ILE A 119 -5.65 26.24 -15.49
N ASP A 120 -4.33 26.22 -15.31
CA ASP A 120 -3.62 24.96 -15.24
C ASP A 120 -3.17 24.50 -13.87
N SER A 121 -3.86 24.96 -12.84
CA SER A 121 -3.56 24.58 -11.46
C SER A 121 -4.80 24.81 -10.64
N VAL A 122 -4.92 24.09 -9.54
CA VAL A 122 -6.07 24.26 -8.64
C VAL A 122 -6.03 25.68 -8.07
N ALA A 123 -4.83 26.17 -7.75
CA ALA A 123 -4.71 27.51 -7.19
C ALA A 123 -5.18 28.56 -8.19
N GLY A 124 -5.11 28.25 -9.48
CA GLY A 124 -5.52 29.17 -10.51
C GLY A 124 -7.02 29.44 -10.54
N ALA A 126 -8.63 30.78 -8.17
CA ALA A 126 -8.90 31.92 -7.30
C ALA A 126 -9.74 32.95 -8.03
N GLY A 127 -10.92 33.23 -7.50
CA GLY A 127 -11.81 34.21 -8.11
C GLY A 127 -12.60 33.68 -9.29
N LYS A 128 -12.44 32.39 -9.57
CA LYS A 128 -13.14 31.76 -10.69
C LYS A 128 -14.37 31.00 -10.21
N THR A 129 -15.32 30.78 -11.12
CA THR A 129 -16.56 30.07 -10.82
C THR A 129 -16.41 28.55 -10.94
N LEU A 130 -16.83 27.83 -9.90
CA LEU A 130 -16.73 26.38 -9.86
C LEU A 130 -18.08 25.66 -9.89
N GLY A 131 -18.14 24.59 -10.66
CA GLY A 131 -19.36 23.81 -10.74
C GLY A 131 -19.10 22.43 -10.18
N ALA A 132 -20.15 21.76 -9.73
CA ALA A 132 -20.05 20.41 -9.18
C ALA A 132 -21.39 19.72 -9.41
N GLN A 133 -21.40 18.40 -9.41
CA GLN A 133 -22.66 17.69 -9.62
C GLN A 133 -23.41 17.59 -8.30
N ALA A 134 -24.71 17.84 -8.36
CA ALA A 134 -25.53 17.79 -7.15
C ALA A 134 -25.53 16.39 -6.55
N GLY A 135 -25.42 16.35 -5.22
CA GLY A 135 -25.41 15.07 -4.53
C GLY A 135 -24.25 14.19 -4.92
N SER A 136 -23.07 14.79 -5.09
CA SER A 136 -21.87 14.04 -5.45
C SER A 136 -20.88 14.09 -4.30
N SER A 137 -19.89 13.20 -4.34
CA SER A 137 -18.86 13.16 -3.30
C SER A 137 -18.04 14.44 -3.35
N GLY A 138 -17.95 15.03 -4.54
CA GLY A 138 -17.18 16.26 -4.70
C GLY A 138 -17.84 17.42 -3.96
N TYR A 139 -19.16 17.50 -4.05
CA TYR A 139 -19.91 18.54 -3.37
C TYR A 139 -19.56 18.54 -1.89
N ASP A 140 -19.71 17.38 -1.26
CA ASP A 140 -19.42 17.23 0.15
C ASP A 140 -17.95 17.51 0.51
N ALA A 141 -17.06 17.11 -0.39
CA ALA A 141 -15.63 17.31 -0.16
C ALA A 141 -15.29 18.80 -0.26
N PHE A 142 -15.96 19.48 -1.17
CA PHE A 142 -15.75 20.91 -1.38
C PHE A 142 -16.01 21.66 -0.07
N ASN A 143 -17.09 21.30 0.61
CA ASN A 143 -17.45 21.94 1.87
C ASN A 143 -16.61 21.47 3.05
N ALA A 144 -16.42 20.15 3.15
CA ALA A 144 -15.65 19.56 4.24
C ALA A 144 -14.22 20.08 4.36
N SER A 145 -13.61 20.43 3.23
CA SER A 145 -12.25 20.95 3.21
C SER A 145 -12.23 22.24 2.41
N PRO A 146 -12.80 23.32 2.99
CA PRO A 146 -12.88 24.65 2.35
C PRO A 146 -11.54 25.24 1.93
N LYS A 147 -10.48 24.90 2.64
CA LYS A 147 -9.16 25.43 2.33
C LYS A 147 -8.62 25.00 0.96
N ILE A 148 -9.20 23.93 0.40
CA ILE A 148 -8.76 23.44 -0.91
C ILE A 148 -9.22 24.33 -2.05
N LEU A 149 -10.53 24.50 -2.18
CA LEU A 149 -11.09 25.32 -3.23
C LEU A 149 -12.15 26.30 -2.75
N LYS A 150 -12.98 25.87 -1.82
CA LYS A 150 -14.06 26.72 -1.31
C LYS A 150 -13.63 28.14 -0.94
N ASP A 151 -12.50 28.27 -0.25
CA ASP A 151 -12.02 29.59 0.16
C ASP A 151 -11.52 30.48 -0.97
N VAL A 152 -11.00 29.87 -2.03
CA VAL A 152 -10.47 30.65 -3.13
C VAL A 152 -11.40 30.94 -4.30
N VAL A 153 -12.37 30.06 -4.54
CA VAL A 153 -13.29 30.27 -5.66
C VAL A 153 -14.25 31.42 -5.43
N ALA A 154 -14.77 31.96 -6.54
CA ALA A 154 -15.72 33.07 -6.48
C ALA A 154 -16.95 32.72 -5.65
N ASN A 155 -17.34 33.62 -4.76
CA ASN A 155 -18.51 33.43 -3.91
C ASN A 155 -18.35 32.33 -2.87
N GLN A 156 -17.21 31.65 -2.89
CA GLN A 156 -16.95 30.56 -1.94
C GLN A 156 -18.08 29.52 -2.00
N LYS A 157 -18.63 29.32 -3.19
CA LYS A 157 -19.70 28.36 -3.39
C LYS A 157 -19.47 27.62 -4.70
N VAL A 158 -20.32 26.64 -4.98
CA VAL A 158 -20.23 25.88 -6.21
C VAL A 158 -21.59 25.80 -6.87
N VAL A 159 -21.61 25.96 -8.18
CA VAL A 159 -22.83 25.87 -8.95
C VAL A 159 -23.11 24.38 -9.11
N GLN A 160 -24.26 23.94 -8.62
CA GLN A 160 -24.62 22.53 -8.71
C GLN A 160 -25.33 22.20 -10.01
N TYR A 161 -25.02 21.03 -10.55
CA TYR A 161 -25.63 20.57 -11.79
C TYR A 161 -26.20 19.19 -11.56
N SER A 162 -27.34 18.92 -12.18
CA SER A 162 -27.99 17.62 -12.03
C SER A 162 -27.23 16.53 -12.78
N THR A 163 -26.78 16.86 -13.98
CA THR A 163 -26.05 15.91 -14.81
C THR A 163 -24.69 16.43 -15.21
N PHE A 164 -23.76 15.52 -15.48
CA PHE A 164 -22.41 15.89 -15.90
C PHE A 164 -22.48 16.59 -17.25
N THR A 165 -23.45 16.19 -18.08
CA THR A 165 -23.61 16.77 -19.40
C THR A 165 -23.89 18.27 -19.33
N GLN A 166 -24.83 18.66 -18.48
CA GLN A 166 -25.16 20.08 -18.34
C GLN A 166 -23.93 20.82 -17.85
N ALA A 167 -23.25 20.25 -16.87
CA ALA A 167 -22.05 20.85 -16.31
C ALA A 167 -21.01 21.13 -17.40
N LEU A 168 -20.76 20.14 -18.25
CA LEU A 168 -19.79 20.29 -19.33
C LEU A 168 -20.23 21.36 -20.32
N ILE A 169 -21.52 21.37 -20.67
CA ILE A 169 -22.04 22.38 -21.59
C ILE A 169 -21.63 23.75 -21.09
N ASP A 170 -21.87 24.00 -19.81
CA ASP A 170 -21.52 25.29 -19.23
C ASP A 170 -20.00 25.52 -19.15
N LEU A 171 -19.24 24.46 -18.96
CA LEU A 171 -17.79 24.61 -18.90
C LEU A 171 -17.31 24.99 -20.30
N ASN A 172 -17.89 24.36 -21.32
CA ASN A 172 -17.51 24.63 -22.72
C ASN A 172 -17.87 26.04 -23.18
N SER A 173 -18.98 26.56 -22.68
CA SER A 173 -19.46 27.89 -23.07
C SER A 173 -18.80 29.00 -22.24
N GLY A 174 -18.16 28.62 -21.15
CA GLY A 174 -17.52 29.61 -20.29
C GLY A 174 -18.38 30.01 -19.11
N ARG A 175 -19.60 29.48 -19.05
CA ARG A 175 -20.51 29.79 -17.96
C ARG A 175 -19.76 29.60 -16.64
N ILE A 176 -19.04 28.49 -16.53
CA ILE A 176 -18.24 28.22 -15.35
C ILE A 176 -16.79 28.07 -15.80
N ASP A 177 -15.86 28.29 -14.88
CA ASP A 177 -14.44 28.20 -15.20
C ASP A 177 -13.85 26.84 -14.89
N GLY A 178 -14.47 26.13 -13.96
CA GLY A 178 -13.97 24.83 -13.59
C GLY A 178 -15.05 23.93 -13.07
N LEU A 179 -14.80 22.63 -13.15
CA LEU A 179 -15.74 21.61 -12.72
C LEU A 179 -15.02 20.62 -11.81
N LEU A 180 -15.64 20.30 -10.68
CA LEU A 180 -15.08 19.34 -9.74
C LEU A 180 -15.91 18.07 -9.91
N ILE A 181 -15.26 16.94 -10.20
CA ILE A 181 -15.99 15.69 -10.42
C ILE A 181 -15.03 14.50 -10.23
N ASP A 182 -15.58 13.30 -10.05
CA ASP A 182 -14.75 12.12 -9.87
C ASP A 182 -13.88 11.88 -11.10
N ARG A 183 -12.64 11.48 -10.86
CA ARG A 183 -11.71 11.17 -11.94
C ARG A 183 -12.35 10.16 -12.88
N VAL A 184 -12.92 9.08 -12.34
CA VAL A 184 -13.53 8.06 -13.22
C VAL A 184 -14.56 8.64 -14.20
N TYR A 185 -15.30 9.66 -13.80
CA TYR A 185 -16.30 10.26 -14.69
C TYR A 185 -15.66 11.26 -15.65
N ALA A 186 -14.79 12.10 -15.12
CA ALA A 186 -14.11 13.10 -15.94
C ALA A 186 -13.40 12.44 -17.12
N ASN A 187 -12.51 11.51 -16.83
CA ASN A 187 -11.76 10.85 -17.89
C ASN A 187 -12.62 9.99 -18.82
N TYR A 188 -13.59 9.31 -18.26
CA TYR A 188 -14.46 8.47 -19.08
C TYR A 188 -15.24 9.26 -20.11
N TYR A 189 -15.96 10.29 -19.64
CA TYR A 189 -16.78 11.08 -20.56
C TYR A 189 -15.96 11.84 -21.57
N LEU A 190 -14.91 12.52 -21.10
CA LEU A 190 -14.08 13.30 -22.00
C LEU A 190 -13.39 12.45 -23.05
N GLU A 191 -12.90 11.27 -22.67
CA GLU A 191 -12.26 10.36 -23.61
C GLU A 191 -13.31 9.80 -24.56
N LYS A 192 -14.46 9.44 -24.00
CA LYS A 192 -15.54 8.88 -24.81
C LYS A 192 -15.90 9.87 -25.91
N SER A 193 -15.86 11.16 -25.56
CA SER A 193 -16.19 12.23 -26.49
C SER A 193 -15.02 12.58 -27.39
N GLY A 194 -13.86 12.00 -27.11
CA GLY A 194 -12.67 12.25 -27.90
C GLY A 194 -12.10 13.65 -27.77
N VAL A 195 -12.35 14.29 -26.63
CA VAL A 195 -11.88 15.65 -26.40
C VAL A 195 -11.01 15.80 -25.16
N LEU A 196 -10.56 14.70 -24.59
CA LEU A 196 -9.75 14.76 -23.38
C LEU A 196 -8.57 15.73 -23.49
N ASP A 197 -7.93 15.78 -24.66
CA ASP A 197 -6.77 16.65 -24.80
C ASP A 197 -7.07 18.14 -24.91
N GLN A 198 -8.32 18.53 -24.75
CA GLN A 198 -8.67 19.95 -24.77
C GLN A 198 -8.92 20.43 -23.34
N TYR A 199 -8.69 19.55 -22.36
CA TYR A 199 -8.93 19.89 -20.96
C TYR A 199 -7.78 19.56 -20.02
N ASN A 200 -7.71 20.31 -18.93
CA ASN A 200 -6.73 20.06 -17.87
C ASN A 200 -7.57 19.28 -16.86
N VAL A 201 -7.16 18.06 -16.53
CA VAL A 201 -7.87 17.24 -15.56
C VAL A 201 -6.83 17.05 -14.47
N PRO A 203 -5.71 16.57 -10.24
CA PRO A 203 -6.12 16.05 -8.93
C PRO A 203 -6.46 17.29 -8.11
N ALA A 204 -7.63 17.28 -7.50
CA ALA A 204 -8.13 18.42 -6.75
C ALA A 204 -7.44 18.68 -5.41
N GLY A 205 -7.10 17.60 -4.70
CA GLY A 205 -6.46 17.75 -3.41
C GLY A 205 -7.27 17.11 -2.29
N TYR A 206 -8.44 16.57 -2.64
CA TYR A 206 -9.29 15.91 -1.66
C TYR A 206 -8.91 14.44 -1.58
N GLU A 207 -8.96 13.87 -0.37
CA GLU A 207 -8.60 12.48 -0.17
C GLU A 207 -9.35 11.57 -1.15
N GLY A 208 -8.63 10.63 -1.74
CA GLY A 208 -9.26 9.73 -2.69
C GLY A 208 -9.51 8.34 -2.15
N GLU A 209 -9.86 7.42 -3.05
CA GLU A 209 -10.12 6.04 -2.70
C GLU A 209 -9.35 5.17 -3.68
N SER A 210 -8.98 3.97 -3.27
CA SER A 210 -8.26 3.06 -4.14
C SER A 210 -9.13 1.84 -4.46
N PHE A 211 -9.33 1.58 -5.74
CA PHE A 211 -10.13 0.43 -6.16
C PHE A 211 -9.30 -0.84 -6.07
N ALA A 212 -9.90 -1.88 -5.51
CA ALA A 212 -9.23 -3.17 -5.38
C ALA A 212 -10.32 -4.23 -5.47
N VAL A 213 -9.91 -5.47 -5.67
CA VAL A 213 -10.85 -6.59 -5.81
C VAL A 213 -10.99 -7.36 -4.51
N GLY A 214 -12.22 -7.70 -4.14
CA GLY A 214 -12.47 -8.44 -2.91
C GLY A 214 -12.80 -9.91 -3.18
N ALA A 215 -12.31 -10.80 -2.34
CA ALA A 215 -12.57 -12.23 -2.47
C ALA A 215 -12.70 -12.83 -1.07
N ARG A 216 -13.21 -14.05 -0.99
CA ARG A 216 -13.33 -14.69 0.32
C ARG A 216 -11.93 -14.76 0.93
N LYS A 217 -11.82 -14.56 2.24
CA LYS A 217 -10.53 -14.59 2.91
C LYS A 217 -9.75 -15.88 2.70
N VAL A 218 -10.46 -16.99 2.50
CA VAL A 218 -9.81 -18.28 2.29
C VAL A 218 -9.14 -18.41 0.92
N ASP A 219 -9.59 -17.62 -0.05
CA ASP A 219 -9.04 -17.66 -1.40
C ASP A 219 -7.73 -16.88 -1.54
N LYS A 220 -6.77 -17.20 -0.68
CA LYS A 220 -5.47 -16.55 -0.67
C LYS A 220 -4.75 -16.62 -2.02
N THR A 221 -4.82 -17.78 -2.66
CA THR A 221 -4.15 -17.97 -3.95
C THR A 221 -4.76 -17.15 -5.06
N LEU A 222 -6.08 -17.07 -5.06
CA LEU A 222 -6.79 -16.30 -6.08
C LEU A 222 -6.35 -14.84 -6.02
N ILE A 223 -6.24 -14.30 -4.80
CA ILE A 223 -5.82 -12.91 -4.62
C ILE A 223 -4.42 -12.70 -5.21
N LYS A 224 -3.51 -13.62 -4.94
CA LYS A 224 -2.14 -13.51 -5.45
C LYS A 224 -2.10 -13.59 -6.97
N LYS A 225 -2.92 -14.47 -7.54
CA LYS A 225 -2.99 -14.66 -8.97
C LYS A 225 -3.53 -13.41 -9.65
N ILE A 226 -4.39 -12.68 -8.96
CA ILE A 226 -4.92 -11.46 -9.57
C ILE A 226 -3.82 -10.41 -9.52
N ASN A 227 -3.17 -10.23 -8.36
CA ASN A 227 -2.08 -9.26 -8.23
C ASN A 227 -1.02 -9.50 -9.31
N GLN A 228 -0.66 -10.76 -9.51
CA GLN A 228 0.33 -11.11 -10.51
C GLN A 228 -0.22 -10.81 -11.90
N GLY A 229 -1.52 -11.03 -12.08
CA GLY A 229 -2.15 -10.75 -13.36
C GLY A 229 -2.02 -9.29 -13.73
N PHE A 230 -2.29 -8.41 -12.77
CA PHE A 230 -2.16 -6.96 -13.03
C PHE A 230 -0.76 -6.66 -13.51
N GLU A 231 0.23 -7.19 -12.80
CA GLU A 231 1.61 -6.94 -13.15
C GLU A 231 1.95 -7.45 -14.53
N THR A 232 1.46 -8.65 -14.85
CA THR A 232 1.70 -9.24 -16.16
C THR A 232 1.11 -8.39 -17.28
N LEU A 233 -0.11 -7.89 -17.08
CA LEU A 233 -0.77 -7.07 -18.09
C LEU A 233 -0.08 -5.73 -18.27
N TYR A 234 0.48 -5.19 -17.18
CA TYR A 234 1.19 -3.91 -17.30
C TYR A 234 2.51 -4.15 -18.06
N LYS A 235 3.16 -5.28 -17.76
CA LYS A 235 4.43 -5.62 -18.43
C LYS A 235 4.25 -5.86 -19.92
N ASN A 236 3.16 -6.53 -20.32
CA ASN A 236 2.95 -6.80 -21.74
C ASN A 236 2.15 -5.72 -22.48
N GLY A 237 1.78 -4.66 -21.78
CA GLY A 237 1.06 -3.56 -22.43
C GLY A 237 -0.46 -3.60 -22.44
N GLU A 238 -1.05 -4.73 -22.08
CA GLU A 238 -2.50 -4.82 -22.11
C GLU A 238 -3.20 -3.90 -21.11
N PHE A 239 -2.63 -3.75 -19.92
CA PHE A 239 -3.25 -2.88 -18.92
C PHE A 239 -3.35 -1.48 -19.50
N GLN A 240 -2.25 -1.01 -20.07
CA GLN A 240 -2.20 0.33 -20.64
C GLN A 240 -3.23 0.50 -21.74
N LYS A 241 -3.45 -0.54 -22.53
CA LYS A 241 -4.43 -0.45 -23.61
C LYS A 241 -5.84 -0.29 -23.05
N ILE A 242 -6.17 -1.10 -22.06
CA ILE A 242 -7.48 -1.06 -21.45
C ILE A 242 -7.71 0.28 -20.77
N SER A 243 -6.72 0.74 -20.02
CA SER A 243 -6.81 2.01 -19.32
C SER A 243 -7.04 3.14 -20.30
N ASN A 244 -6.31 3.12 -21.42
CA ASN A 244 -6.47 4.18 -22.42
C ASN A 244 -7.85 4.15 -23.06
N LYS A 245 -8.35 2.95 -23.32
CA LYS A 245 -9.67 2.81 -23.93
C LYS A 245 -10.76 3.48 -23.10
N TRP A 246 -10.72 3.26 -21.80
CA TRP A 246 -11.73 3.81 -20.91
C TRP A 246 -11.50 5.21 -20.38
N PHE A 247 -10.24 5.53 -20.06
CA PHE A 247 -9.91 6.83 -19.46
C PHE A 247 -8.99 7.77 -20.25
N GLY A 248 -8.42 7.30 -21.36
CA GLY A 248 -7.54 8.18 -22.13
C GLY A 248 -6.20 8.44 -21.48
N GLU A 249 -5.90 7.69 -20.43
CA GLU A 249 -4.63 7.81 -19.74
C GLU A 249 -4.35 6.52 -18.97
N ASP A 250 -3.13 6.40 -18.45
CA ASP A 250 -2.69 5.22 -17.70
C ASP A 250 -3.01 5.42 -16.21
N VAL A 251 -3.97 4.65 -15.70
CA VAL A 251 -4.37 4.77 -14.30
C VAL A 251 -3.71 3.80 -13.34
N ALA A 252 -2.75 3.02 -13.83
CA ALA A 252 -2.09 2.03 -13.00
C ALA A 252 -1.45 2.59 -11.73
N THR A 253 -1.67 1.90 -10.62
CA THR A 253 -1.10 2.29 -9.35
C THR A 253 0.34 1.79 -9.36
N ASP A 254 1.16 2.27 -8.44
CA ASP A 254 2.52 1.81 -8.37
C ASP A 254 2.58 0.29 -8.15
N GLN A 255 1.61 -0.25 -7.41
CA GLN A 255 1.59 -1.69 -7.17
C GLN A 255 1.44 -2.47 -8.48
N VAL A 256 0.52 -2.02 -9.33
CA VAL A 256 0.30 -2.67 -10.63
C VAL A 256 1.60 -2.59 -11.44
N LYS A 257 2.34 -1.51 -11.25
CA LYS A 257 3.60 -1.30 -11.97
C LYS A 257 4.76 -2.12 -11.41
N GLY A 258 4.52 -2.83 -10.31
CA GLY A 258 5.57 -3.65 -9.72
C GLY A 258 6.45 -2.94 -8.71
N LYS A 259 6.11 -1.69 -8.37
CA LYS A 259 6.88 -0.90 -7.42
C LYS A 259 6.34 -1.12 -6.00
N ARG A 260 6.95 -2.03 -5.25
CA ARG A 260 6.48 -2.33 -3.91
C ARG A 260 7.16 -1.52 -2.81
N GLU A 261 8.15 -0.70 -3.17
CA GLU A 261 8.86 0.09 -2.18
C GLU A 261 7.94 0.97 -1.35
N GLY A 262 8.05 0.83 -0.03
CA GLY A 262 7.25 1.63 0.88
C GLY A 262 5.87 1.09 1.19
N HIS A 263 5.55 -0.10 0.69
CA HIS A 263 4.23 -0.66 0.94
C HIS A 263 4.22 -1.84 1.92
N HIS A 264 5.38 -2.15 2.50
CA HIS A 264 5.46 -3.23 3.47
C HIS A 264 4.94 -2.74 4.83
N HIS A 265 4.06 -3.52 5.45
CA HIS A 265 3.48 -3.22 6.76
C HIS A 265 3.85 -4.36 7.71
N HIS A 266 4.51 -4.02 8.82
CA HIS A 266 4.99 -5.00 9.80
C HIS A 266 4.71 -6.43 9.35
N HIS A 267 5.39 -6.82 8.26
CA HIS A 267 5.23 -8.13 7.65
C HIS A 267 5.94 -9.25 8.39
N SER B 5 25.15 -35.14 4.95
CA SER B 5 24.24 -35.91 5.84
C SER B 5 22.76 -35.55 5.62
N HIS B 6 21.91 -36.56 5.59
CA HIS B 6 20.48 -36.35 5.41
C HIS B 6 19.85 -35.59 6.57
N PHE B 7 20.54 -35.52 7.70
CA PHE B 7 19.96 -34.88 8.86
C PHE B 7 20.66 -33.64 9.38
N ALA B 8 21.47 -33.01 8.53
CA ALA B 8 22.17 -31.79 8.92
C ALA B 8 21.20 -30.78 9.53
N THR B 9 20.07 -30.57 8.86
CA THR B 9 19.08 -29.60 9.32
C THR B 9 18.47 -29.89 10.69
N GLN B 10 18.66 -31.11 11.19
CA GLN B 10 18.12 -31.47 12.50
C GLN B 10 19.15 -31.31 13.61
N LYS B 11 20.32 -30.80 13.25
CA LYS B 11 21.42 -30.63 14.21
C LYS B 11 21.88 -29.19 14.35
N ASP B 12 22.57 -28.91 15.46
CA ASP B 12 23.13 -27.59 15.72
C ASP B 12 24.33 -27.57 14.79
N GLN B 13 24.27 -26.74 13.75
CA GLN B 13 25.35 -26.68 12.76
C GLN B 13 26.36 -25.55 12.87
N TRP B 14 26.51 -24.95 14.05
CA TRP B 14 27.45 -23.86 14.20
C TRP B 14 28.86 -24.24 13.75
N GLN B 15 29.34 -25.40 14.17
CA GLN B 15 30.67 -25.85 13.79
C GLN B 15 30.78 -25.99 12.28
N THR B 16 29.64 -26.15 11.63
CA THR B 16 29.59 -26.29 10.20
C THR B 16 29.71 -24.91 9.54
N TYR B 17 28.90 -23.97 10.00
CA TYR B 17 28.95 -22.63 9.43
C TYR B 17 30.34 -22.06 9.61
N THR B 18 30.94 -22.28 10.79
CA THR B 18 32.27 -21.76 11.06
C THR B 18 33.34 -22.46 10.24
N LYS B 19 33.19 -23.78 10.06
CA LYS B 19 34.17 -24.53 9.29
C LYS B 19 34.08 -24.24 7.79
N GLU B 20 32.85 -24.13 7.28
CA GLU B 20 32.61 -23.84 5.87
C GLU B 20 32.77 -22.35 5.60
N LYS B 21 32.86 -21.57 6.68
CA LYS B 21 33.01 -20.12 6.58
C LYS B 21 31.91 -19.49 5.73
N LYS B 22 30.69 -19.96 5.92
CA LYS B 22 29.57 -19.42 5.18
C LYS B 22 28.23 -19.83 5.78
N ILE B 23 27.24 -18.98 5.58
CA ILE B 23 25.90 -19.23 6.08
C ILE B 23 24.92 -18.60 5.09
N LYS B 24 23.76 -19.24 4.91
CA LYS B 24 22.77 -18.73 3.96
C LYS B 24 21.65 -17.98 4.65
N ILE B 25 21.34 -16.79 4.16
CA ILE B 25 20.29 -15.99 4.74
C ILE B 25 19.26 -15.53 3.72
N GLY B 26 18.00 -15.82 4.00
CA GLY B 26 16.94 -15.44 3.09
C GLY B 26 16.36 -14.07 3.40
N PHE B 27 15.93 -13.36 2.36
CA PHE B 27 15.35 -12.04 2.52
C PHE B 27 14.39 -11.71 1.36
N ASP B 28 13.54 -10.71 1.58
CA ASP B 28 12.57 -10.23 0.59
C ASP B 28 13.30 -9.14 -0.18
N ALA B 29 13.68 -9.45 -1.42
CA ALA B 29 14.42 -8.51 -2.26
C ALA B 29 13.78 -7.16 -2.53
N THR B 30 12.53 -6.96 -2.11
CA THR B 30 11.88 -5.68 -2.35
C THR B 30 11.76 -4.80 -1.10
N PHE B 31 12.18 -5.33 0.04
CA PHE B 31 12.03 -4.59 1.30
C PHE B 31 13.02 -3.48 1.63
N VAL B 32 12.76 -2.30 1.09
CA VAL B 32 13.59 -1.14 1.37
C VAL B 32 13.14 -0.70 2.75
N PRO B 33 14.08 -0.34 3.64
CA PRO B 33 15.54 -0.29 3.48
C PRO B 33 16.26 -1.39 4.26
N GLY B 35 16.63 -4.80 3.43
CA GLY B 35 17.42 -5.65 2.57
C GLY B 35 16.67 -5.71 1.26
N TYR B 36 17.28 -5.20 0.19
CA TYR B 36 16.62 -5.17 -1.10
C TYR B 36 17.59 -5.14 -2.26
N GLU B 37 17.07 -5.40 -3.45
CA GLU B 37 17.89 -5.40 -4.65
C GLU B 37 17.86 -4.02 -5.29
N GLU B 38 19.03 -3.42 -5.46
CA GLU B 38 19.13 -2.11 -6.07
C GLU B 38 18.98 -2.25 -7.59
N LYS B 39 18.82 -1.12 -8.27
CA LYS B 39 18.68 -1.11 -9.72
C LYS B 39 19.88 -1.78 -10.41
N ASP B 40 21.08 -1.61 -9.85
CA ASP B 40 22.27 -2.23 -10.45
C ASP B 40 22.39 -3.70 -10.12
N GLY B 41 21.43 -4.23 -9.37
CA GLY B 41 21.45 -5.65 -9.03
C GLY B 41 22.12 -6.02 -7.71
N SER B 42 22.76 -5.07 -7.04
CA SER B 42 23.40 -5.38 -5.77
C SER B 42 22.37 -5.50 -4.65
N TYR B 43 22.73 -6.22 -3.59
CA TYR B 43 21.84 -6.39 -2.44
C TYR B 43 22.36 -5.51 -1.32
N ILE B 44 21.57 -4.51 -0.93
CA ILE B 44 21.95 -3.57 0.11
C ILE B 44 20.82 -3.37 1.13
N GLY B 45 21.15 -2.73 2.25
CA GLY B 45 20.16 -2.49 3.28
C GLY B 45 20.74 -2.55 4.68
N PHE B 46 19.94 -2.14 5.66
CA PHE B 46 20.38 -2.14 7.05
C PHE B 46 20.73 -3.57 7.50
N ASP B 47 19.83 -4.52 7.30
CA ASP B 47 20.08 -5.91 7.71
C ASP B 47 21.26 -6.52 6.99
N ILE B 48 21.45 -6.11 5.74
CA ILE B 48 22.56 -6.65 4.93
C ILE B 48 23.86 -6.23 5.61
N ASP B 49 23.99 -4.95 5.91
CA ASP B 49 25.19 -4.42 6.56
C ASP B 49 25.35 -5.06 7.94
N LEU B 50 24.26 -5.06 8.72
CA LEU B 50 24.28 -5.63 10.07
C LEU B 50 24.71 -7.10 10.07
N ALA B 51 24.02 -7.94 9.31
CA ALA B 51 24.35 -9.36 9.27
C ALA B 51 25.76 -9.63 8.72
N ASN B 52 26.17 -8.87 7.70
CA ASN B 52 27.51 -9.08 7.17
C ASN B 52 28.53 -8.78 8.27
N ALA B 53 28.27 -7.72 9.04
CA ALA B 53 29.18 -7.32 10.10
C ALA B 53 29.27 -8.36 11.22
N VAL B 54 28.12 -8.89 11.64
CA VAL B 54 28.09 -9.89 12.69
C VAL B 54 28.92 -11.11 12.30
N PHE B 55 28.65 -11.67 11.13
CA PHE B 55 29.36 -12.86 10.69
C PHE B 55 30.82 -12.66 10.32
N LYS B 56 31.20 -11.44 9.97
CA LYS B 56 32.60 -11.16 9.62
C LYS B 56 33.47 -11.41 10.86
N LEU B 57 32.89 -11.21 12.05
CA LEU B 57 33.61 -11.41 13.31
C LEU B 57 34.03 -12.86 13.46
N TYR B 58 33.23 -13.77 12.90
CA TYR B 58 33.49 -15.20 12.98
C TYR B 58 34.16 -15.78 11.74
N GLY B 59 34.53 -14.92 10.81
CA GLY B 59 35.18 -15.39 9.60
C GLY B 59 34.18 -16.14 8.73
N ILE B 60 32.93 -15.68 8.77
CA ILE B 60 31.86 -16.30 8.00
C ILE B 60 31.30 -15.32 6.98
N ASP B 61 31.22 -15.75 5.73
CA ASP B 61 30.66 -14.94 4.65
C ASP B 61 29.19 -15.31 4.49
N VAL B 62 28.35 -14.29 4.30
CA VAL B 62 26.93 -14.51 4.13
C VAL B 62 26.55 -14.69 2.67
N GLU B 63 25.75 -15.71 2.41
CA GLU B 63 25.25 -15.98 1.07
C GLU B 63 23.82 -15.47 1.13
N TRP B 64 23.59 -14.29 0.58
CA TRP B 64 22.25 -13.70 0.60
C TRP B 64 21.37 -14.34 -0.48
N GLN B 65 20.21 -14.82 -0.04
CA GLN B 65 19.27 -15.50 -0.94
C GLN B 65 17.93 -14.81 -1.01
N ALA B 66 17.62 -14.21 -2.15
CA ALA B 66 16.33 -13.56 -2.34
C ALA B 66 15.34 -14.70 -2.51
N ILE B 67 14.34 -14.75 -1.61
CA ILE B 67 13.34 -15.80 -1.64
C ILE B 67 11.90 -15.31 -1.76
N ASP B 68 10.99 -16.27 -1.91
CA ASP B 68 9.57 -15.99 -1.97
C ASP B 68 9.28 -15.78 -0.48
N TRP B 69 9.06 -14.53 -0.08
CA TRP B 69 8.83 -14.22 1.34
C TRP B 69 7.77 -15.08 2.05
N ASP B 70 6.72 -15.48 1.33
CA ASP B 70 5.66 -16.28 1.95
C ASP B 70 6.18 -17.67 2.32
N LYS B 72 9.27 -18.25 3.51
CA LYS B 72 10.38 -18.16 4.46
C LYS B 72 10.47 -19.24 5.52
N GLU B 73 9.38 -19.53 6.23
CA GLU B 73 9.44 -20.58 7.25
C GLU B 73 9.75 -21.93 6.62
N THR B 74 9.10 -22.25 5.51
CA THR B 74 9.33 -23.52 4.84
C THR B 74 10.80 -23.69 4.44
N GLU B 75 11.37 -22.67 3.80
CA GLU B 75 12.76 -22.70 3.36
C GLU B 75 13.72 -22.86 4.54
N LEU B 76 13.41 -22.21 5.66
CA LEU B 76 14.25 -22.31 6.84
C LEU B 76 14.22 -23.75 7.35
N LYS B 77 13.04 -24.32 7.42
CA LYS B 77 12.89 -25.69 7.88
C LYS B 77 13.49 -26.73 6.92
N ASN B 78 13.48 -26.44 5.62
CA ASN B 78 14.03 -27.38 4.62
C ASN B 78 15.54 -27.28 4.46
N GLY B 79 16.14 -26.26 5.05
CA GLY B 79 17.58 -26.12 4.91
C GLY B 79 17.97 -25.27 3.71
N THR B 80 16.97 -24.72 3.03
CA THR B 80 17.21 -23.87 1.86
C THR B 80 17.97 -22.63 2.34
N ILE B 81 17.61 -22.16 3.54
CA ILE B 81 18.26 -21.01 4.17
C ILE B 81 18.52 -21.39 5.61
N ASP B 82 19.44 -20.68 6.26
CA ASP B 82 19.79 -20.96 7.65
C ASP B 82 19.27 -19.88 8.59
N LEU B 83 18.88 -18.75 8.02
CA LEU B 83 18.34 -17.65 8.80
C LEU B 83 17.38 -16.83 7.98
N ILE B 84 16.43 -16.21 8.69
CA ILE B 84 15.45 -15.33 8.09
C ILE B 84 15.83 -13.98 8.71
N TRP B 85 16.41 -13.10 7.91
CA TRP B 85 16.87 -11.79 8.40
C TRP B 85 16.53 -10.70 7.39
N ASN B 86 15.44 -9.97 7.64
CA ASN B 86 14.99 -8.92 6.73
C ASN B 86 13.75 -8.28 7.36
N GLY B 87 13.96 -7.56 8.45
CA GLY B 87 12.86 -6.92 9.12
C GLY B 87 11.87 -7.98 9.56
N TYR B 88 12.41 -9.07 10.07
CA TYR B 88 11.60 -10.19 10.55
C TYR B 88 11.27 -9.88 12.00
N SER B 89 10.22 -10.50 12.52
CA SER B 89 9.81 -10.25 13.90
C SER B 89 9.14 -11.47 14.52
N VAL B 90 9.10 -11.49 15.85
CA VAL B 90 8.50 -12.60 16.57
C VAL B 90 6.98 -12.58 16.53
N THR B 91 6.41 -13.75 16.26
CA THR B 91 4.98 -13.97 16.19
C THR B 91 4.79 -15.37 16.78
N ASP B 92 3.80 -15.54 17.64
CA ASP B 92 3.59 -16.86 18.24
C ASP B 92 3.45 -17.94 17.17
N GLU B 93 2.92 -17.57 16.00
CA GLU B 93 2.79 -18.54 14.92
C GLU B 93 4.15 -18.85 14.31
N ARG B 94 5.00 -17.83 14.21
CA ARG B 94 6.33 -17.99 13.66
C ARG B 94 7.22 -18.77 14.63
N LYS B 95 6.93 -18.63 15.91
CA LYS B 95 7.68 -19.32 16.96
C LYS B 95 7.44 -20.82 16.81
N GLN B 96 6.49 -21.19 15.98
CA GLN B 96 6.19 -22.60 15.74
C GLN B 96 7.28 -23.22 14.88
N SER B 97 7.88 -22.41 14.02
CA SER B 97 8.92 -22.90 13.11
C SER B 97 10.34 -22.42 13.40
N ALA B 98 10.51 -21.45 14.28
CA ALA B 98 11.86 -20.96 14.55
C ALA B 98 12.12 -20.35 15.90
N ASP B 99 13.40 -20.27 16.25
CA ASP B 99 13.83 -19.66 17.50
C ASP B 99 14.32 -18.29 17.03
N PHE B 100 14.32 -17.32 17.93
CA PHE B 100 14.75 -15.98 17.56
C PHE B 100 15.91 -15.44 18.38
N THR B 101 16.56 -14.43 17.83
CA THR B 101 17.65 -13.76 18.49
C THR B 101 16.97 -12.69 19.32
N GLU B 102 17.76 -11.92 20.06
CA GLU B 102 17.21 -10.81 20.83
C GLU B 102 16.84 -9.76 19.78
N PRO B 103 15.83 -8.94 20.05
CA PRO B 103 15.46 -7.91 19.06
C PRO B 103 16.62 -6.95 18.88
N TYR B 104 16.87 -6.51 17.64
CA TYR B 104 17.98 -5.59 17.41
C TYR B 104 17.52 -4.17 17.07
N VAL B 106 13.73 -1.54 17.12
CA VAL B 106 12.30 -1.38 17.33
C VAL B 106 11.72 -0.51 16.22
N ASN B 107 10.74 -1.05 15.50
CA ASN B 107 10.12 -0.30 14.44
C ASN B 107 8.76 0.13 14.96
N GLU B 108 8.74 1.25 15.66
CA GLU B 108 7.52 1.78 16.23
C GLU B 108 6.90 2.79 15.28
N GLN B 109 5.65 3.12 15.53
CA GLN B 109 4.96 4.11 14.72
C GLN B 109 5.41 5.46 15.27
N VAL B 110 5.85 6.35 14.38
CA VAL B 110 6.28 7.68 14.79
C VAL B 110 5.42 8.80 14.21
N LEU B 111 5.29 9.87 14.98
CA LEU B 111 4.53 11.04 14.54
C LEU B 111 5.57 12.01 13.98
N VAL B 112 5.39 12.42 12.73
CA VAL B 112 6.32 13.35 12.09
C VAL B 112 5.63 14.71 11.87
N THR B 113 6.31 15.77 12.28
CA THR B 113 5.79 17.14 12.11
C THR B 113 6.93 18.06 11.73
N LYS B 114 6.60 19.20 11.13
CA LYS B 114 7.65 20.14 10.75
C LYS B 114 8.14 20.82 12.03
N LYS B 115 9.45 20.98 12.15
CA LYS B 115 10.03 21.64 13.32
C LYS B 115 9.36 22.99 13.52
N SER B 116 9.07 23.67 12.41
CA SER B 116 8.43 24.98 12.42
C SER B 116 6.97 24.94 12.88
N SER B 117 6.37 23.76 12.86
CA SER B 117 4.98 23.65 13.27
C SER B 117 4.83 23.90 14.77
N GLY B 118 5.86 23.55 15.52
CA GLY B 118 5.81 23.75 16.96
C GLY B 118 5.11 22.57 17.63
N ILE B 119 4.81 21.54 16.84
CA ILE B 119 4.15 20.36 17.38
C ILE B 119 5.23 19.37 17.79
N ASP B 120 5.79 19.57 18.99
CA ASP B 120 6.84 18.71 19.49
C ASP B 120 6.36 17.68 20.50
N SER B 121 5.08 17.34 20.45
CA SER B 121 4.52 16.35 21.34
C SER B 121 3.27 15.73 20.71
N VAL B 122 3.03 14.47 21.00
CA VAL B 122 1.87 13.79 20.45
C VAL B 122 0.60 14.52 20.89
N ALA B 123 0.55 14.93 22.14
CA ALA B 123 -0.61 15.64 22.66
C ALA B 123 -0.79 16.96 21.93
N GLY B 124 0.30 17.46 21.35
CA GLY B 124 0.22 18.72 20.60
C GLY B 124 -0.57 18.62 19.32
N ALA B 126 -3.62 17.87 19.25
CA ALA B 126 -5.01 18.19 19.59
C ALA B 126 -5.58 19.18 18.59
N GLY B 127 -6.70 18.79 17.97
CA GLY B 127 -7.34 19.68 17.01
C GLY B 127 -6.57 19.85 15.71
N LYS B 128 -5.48 19.10 15.53
CA LYS B 128 -4.69 19.18 14.31
C LYS B 128 -5.05 18.06 13.32
N THR B 129 -4.65 18.22 12.06
CA THR B 129 -4.93 17.23 11.03
C THR B 129 -3.81 16.20 10.91
N LEU B 130 -4.19 14.92 10.95
CA LEU B 130 -3.23 13.83 10.87
C LEU B 130 -3.32 13.06 9.56
N GLY B 131 -2.16 12.71 9.01
CA GLY B 131 -2.10 11.95 7.79
C GLY B 131 -1.45 10.60 8.08
N ALA B 132 -1.77 9.60 7.27
CA ALA B 132 -1.19 8.28 7.46
C ALA B 132 -1.21 7.51 6.14
N GLN B 133 -0.51 6.37 6.13
CA GLN B 133 -0.43 5.53 4.95
C GLN B 133 -1.59 4.54 4.86
N ALA B 134 -2.25 4.51 3.70
CA ALA B 134 -3.36 3.59 3.50
C ALA B 134 -2.94 2.14 3.79
N GLY B 135 -3.78 1.43 4.53
CA GLY B 135 -3.50 0.04 4.87
C GLY B 135 -2.21 -0.24 5.61
N SER B 136 -1.68 0.76 6.30
CA SER B 136 -0.44 0.58 7.05
C SER B 136 -0.76 0.19 8.48
N SER B 137 0.25 -0.31 9.19
CA SER B 137 0.06 -0.70 10.59
C SER B 137 -0.25 0.56 11.41
N GLY B 138 0.18 1.70 10.91
CA GLY B 138 -0.08 2.96 11.60
C GLY B 138 -1.57 3.27 11.54
N TYR B 139 -2.18 3.03 10.40
CA TYR B 139 -3.61 3.26 10.23
C TYR B 139 -4.37 2.41 11.25
N ASP B 140 -4.03 1.13 11.33
CA ASP B 140 -4.68 0.21 12.25
C ASP B 140 -4.47 0.56 13.72
N ALA B 141 -3.27 0.99 14.07
CA ALA B 141 -2.99 1.35 15.45
C ALA B 141 -3.79 2.59 15.82
N PHE B 142 -3.95 3.48 14.85
CA PHE B 142 -4.69 4.72 15.06
C PHE B 142 -6.09 4.43 15.58
N ASN B 143 -6.75 3.45 14.98
CA ASN B 143 -8.10 3.05 15.39
C ASN B 143 -8.09 2.15 16.62
N ALA B 144 -7.18 1.18 16.64
CA ALA B 144 -7.07 0.24 17.75
C ALA B 144 -6.95 0.92 19.10
N SER B 145 -6.09 1.93 19.18
CA SER B 145 -5.87 2.68 20.41
C SER B 145 -6.24 4.15 20.19
N PRO B 146 -7.55 4.44 20.11
CA PRO B 146 -8.09 5.79 19.89
C PRO B 146 -7.62 6.86 20.85
N LYS B 147 -7.42 6.50 22.11
CA LYS B 147 -6.99 7.45 23.12
C LYS B 147 -5.65 8.10 22.77
N ILE B 148 -4.81 7.41 21.99
CA ILE B 148 -3.51 7.95 21.61
C ILE B 148 -3.59 9.17 20.68
N LEU B 149 -4.29 9.03 19.56
CA LEU B 149 -4.42 10.15 18.61
C LEU B 149 -5.82 10.43 18.08
N LYS B 150 -6.60 9.37 17.84
CA LYS B 150 -7.95 9.54 17.33
C LYS B 150 -8.78 10.56 18.10
N ASP B 151 -8.88 10.36 19.41
CA ASP B 151 -9.65 11.26 20.27
C ASP B 151 -8.91 12.56 20.53
N VAL B 152 -8.01 12.92 19.63
CA VAL B 152 -7.23 14.14 19.82
C VAL B 152 -7.20 14.99 18.56
N VAL B 153 -6.86 14.34 17.45
CA VAL B 153 -6.76 15.02 16.17
C VAL B 153 -8.11 15.53 15.66
N ALA B 154 -8.05 16.47 14.73
CA ALA B 154 -9.26 17.05 14.15
C ALA B 154 -10.06 16.01 13.40
N ASN B 155 -11.38 16.04 13.59
CA ASN B 155 -12.29 15.12 12.91
C ASN B 155 -12.18 13.67 13.35
N GLN B 156 -11.39 13.41 14.39
CA GLN B 156 -11.24 12.05 14.91
C GLN B 156 -10.89 11.06 13.81
N LYS B 157 -10.22 11.52 12.75
CA LYS B 157 -9.86 10.65 11.64
C LYS B 157 -8.51 11.00 11.03
N VAL B 158 -8.00 10.12 10.18
CA VAL B 158 -6.73 10.33 9.51
C VAL B 158 -6.92 10.40 8.00
N VAL B 159 -6.10 11.23 7.35
CA VAL B 159 -6.15 11.36 5.91
C VAL B 159 -5.20 10.28 5.41
N GLN B 160 -5.69 9.41 4.53
CA GLN B 160 -4.85 8.33 4.01
C GLN B 160 -4.16 8.67 2.70
N TYR B 161 -2.89 8.27 2.62
CA TYR B 161 -2.07 8.53 1.44
C TYR B 161 -1.52 7.21 0.89
N SER B 162 -1.11 7.24 -0.38
CA SER B 162 -0.56 6.05 -1.00
C SER B 162 0.84 5.77 -0.46
N THR B 163 1.72 6.76 -0.59
CA THR B 163 3.10 6.61 -0.12
C THR B 163 3.58 7.73 0.81
N PHE B 164 4.69 7.46 1.49
CA PHE B 164 5.29 8.41 2.42
C PHE B 164 5.69 9.69 1.71
N THR B 165 6.06 9.56 0.44
CA THR B 165 6.48 10.71 -0.37
C THR B 165 5.32 11.64 -0.67
N GLN B 166 4.15 11.09 -0.93
CA GLN B 166 2.96 11.90 -1.22
C GLN B 166 2.52 12.54 0.08
N ALA B 167 2.61 11.77 1.16
CA ALA B 167 2.23 12.25 2.47
C ALA B 167 3.13 13.41 2.89
N LEU B 168 4.43 13.27 2.63
CA LEU B 168 5.41 14.28 2.99
C LEU B 168 5.20 15.59 2.21
N ILE B 169 4.65 15.48 1.00
CA ILE B 169 4.37 16.66 0.19
C ILE B 169 3.35 17.54 0.90
N ASP B 170 2.30 16.91 1.42
CA ASP B 170 1.26 17.63 2.13
C ASP B 170 1.71 18.05 3.53
N LEU B 171 2.68 17.33 4.09
CA LEU B 171 3.18 17.72 5.41
C LEU B 171 3.96 19.02 5.23
N ASN B 172 4.81 19.06 4.22
CA ASN B 172 5.63 20.22 3.93
C ASN B 172 4.83 21.47 3.60
N SER B 173 3.79 21.31 2.78
CA SER B 173 2.96 22.44 2.37
C SER B 173 2.07 22.95 3.48
N GLY B 174 1.73 22.06 4.42
CA GLY B 174 0.87 22.45 5.51
C GLY B 174 -0.55 21.92 5.38
N ARG B 175 -0.82 21.13 4.34
CA ARG B 175 -2.16 20.57 4.15
C ARG B 175 -2.52 19.66 5.32
N ILE B 176 -1.50 19.05 5.93
CA ILE B 176 -1.68 18.21 7.11
C ILE B 176 -0.65 18.70 8.12
N ASP B 177 -0.96 18.54 9.41
CA ASP B 177 -0.09 18.99 10.50
C ASP B 177 0.87 17.90 10.98
N GLY B 178 0.47 16.65 10.79
CA GLY B 178 1.30 15.57 11.23
C GLY B 178 1.15 14.32 10.38
N LEU B 179 2.16 13.47 10.42
CA LEU B 179 2.17 12.23 9.66
C LEU B 179 2.57 11.06 10.54
N LEU B 180 1.70 10.05 10.62
CA LEU B 180 1.98 8.86 11.40
C LEU B 180 2.55 7.84 10.43
N ILE B 181 3.74 7.32 10.72
CA ILE B 181 4.38 6.38 9.82
C ILE B 181 5.39 5.49 10.54
N ASP B 182 5.78 4.40 9.88
CA ASP B 182 6.75 3.46 10.43
C ASP B 182 8.10 4.15 10.62
N ARG B 183 8.70 3.96 11.78
CA ARG B 183 10.00 4.55 12.08
C ARG B 183 10.98 4.19 10.98
N VAL B 184 10.97 2.93 10.57
CA VAL B 184 11.87 2.48 9.53
C VAL B 184 11.80 3.37 8.28
N TYR B 185 10.59 3.84 7.93
CA TYR B 185 10.41 4.69 6.75
C TYR B 185 10.73 6.17 7.01
N ALA B 186 10.23 6.71 8.11
CA ALA B 186 10.48 8.11 8.43
C ALA B 186 11.96 8.41 8.46
N ASN B 187 12.71 7.65 9.26
CA ASN B 187 14.14 7.88 9.38
C ASN B 187 14.92 7.61 8.10
N TYR B 188 14.64 6.50 7.44
CA TYR B 188 15.35 6.19 6.21
C TYR B 188 15.20 7.29 5.16
N TYR B 189 13.95 7.62 4.85
CA TYR B 189 13.68 8.62 3.83
C TYR B 189 14.12 10.04 4.14
N LEU B 190 13.83 10.51 5.35
CA LEU B 190 14.19 11.86 5.73
C LEU B 190 15.72 12.00 5.83
N GLU B 191 16.39 10.93 6.25
CA GLU B 191 17.85 10.98 6.36
C GLU B 191 18.49 10.89 4.97
N LYS B 192 17.90 10.06 4.10
CA LYS B 192 18.44 9.93 2.75
C LYS B 192 18.31 11.25 1.99
N SER B 193 17.26 12.01 2.31
CA SER B 193 17.03 13.31 1.68
C SER B 193 17.70 14.46 2.42
N GLY B 194 18.42 14.11 3.50
CA GLY B 194 19.14 15.10 4.28
C GLY B 194 18.31 16.17 4.98
N VAL B 195 17.06 15.87 5.33
CA VAL B 195 16.19 16.83 6.01
C VAL B 195 15.64 16.33 7.34
N LEU B 196 16.22 15.25 7.85
CA LEU B 196 15.76 14.68 9.11
C LEU B 196 15.67 15.72 10.22
N ASP B 197 16.65 16.63 10.26
CA ASP B 197 16.72 17.69 11.26
C ASP B 197 15.66 18.77 11.11
N GLN B 198 14.93 18.74 10.01
CA GLN B 198 13.89 19.73 9.80
C GLN B 198 12.54 19.24 10.33
N TYR B 199 12.56 18.06 10.94
CA TYR B 199 11.34 17.47 11.47
C TYR B 199 11.43 16.88 12.86
N ASN B 200 10.30 16.88 13.55
CA ASN B 200 10.22 16.26 14.86
C ASN B 200 9.74 14.87 14.48
N VAL B 201 10.48 13.84 14.88
CA VAL B 201 10.11 12.46 14.59
C VAL B 201 9.98 11.83 15.98
N PRO B 203 8.08 9.06 18.84
CA PRO B 203 7.38 7.78 19.02
C PRO B 203 5.92 8.15 19.30
N ALA B 204 5.00 7.59 18.54
CA ALA B 204 3.57 7.90 18.69
C ALA B 204 2.91 7.43 19.97
N GLY B 205 3.29 6.24 20.44
CA GLY B 205 2.70 5.71 21.65
C GLY B 205 2.03 4.37 21.46
N TYR B 206 2.20 3.78 20.27
CA TYR B 206 1.62 2.48 19.98
C TYR B 206 2.74 1.44 20.10
N GLU B 207 2.39 0.21 20.47
CA GLU B 207 3.41 -0.85 20.61
C GLU B 207 4.04 -1.13 19.26
N GLY B 208 5.36 -0.92 19.17
CA GLY B 208 6.04 -1.15 17.93
C GLY B 208 6.50 -2.59 17.76
N GLU B 209 6.69 -3.01 16.51
CA GLU B 209 7.16 -4.37 16.25
C GLU B 209 8.66 -4.36 16.38
N SER B 210 9.21 -5.38 17.02
CA SER B 210 10.65 -5.46 17.19
C SER B 210 11.26 -6.41 16.14
N PHE B 211 12.27 -5.94 15.43
CA PHE B 211 12.91 -6.78 14.42
C PHE B 211 13.87 -7.75 15.12
N ALA B 212 13.81 -9.01 14.72
CA ALA B 212 14.67 -10.04 15.28
C ALA B 212 15.05 -11.00 14.16
N VAL B 213 15.98 -11.91 14.42
CA VAL B 213 16.42 -12.86 13.41
C VAL B 213 15.87 -14.26 13.70
N GLY B 214 15.43 -14.94 12.66
CA GLY B 214 14.88 -16.27 12.84
C GLY B 214 15.82 -17.38 12.41
N ALA B 215 15.89 -18.45 13.20
CA ALA B 215 16.73 -19.60 12.90
C ALA B 215 16.00 -20.88 13.25
N ARG B 216 16.50 -22.01 12.73
CA ARG B 216 15.88 -23.29 13.06
C ARG B 216 16.04 -23.44 14.57
N LYS B 217 15.00 -23.93 15.22
CA LYS B 217 15.02 -24.12 16.67
C LYS B 217 16.22 -24.93 17.15
N VAL B 218 16.73 -25.79 16.29
CA VAL B 218 17.87 -26.62 16.66
C VAL B 218 19.20 -25.87 16.68
N ASP B 219 19.28 -24.75 15.97
CA ASP B 219 20.50 -23.96 15.91
C ASP B 219 20.63 -23.01 17.09
N LYS B 220 20.74 -23.57 18.29
CA LYS B 220 20.86 -22.77 19.49
C LYS B 220 22.15 -21.97 19.55
N THR B 221 23.26 -22.59 19.19
CA THR B 221 24.54 -21.90 19.23
C THR B 221 24.55 -20.71 18.26
N LEU B 222 23.95 -20.90 17.10
CA LEU B 222 23.90 -19.83 16.09
C LEU B 222 23.22 -18.58 16.64
N ILE B 223 22.05 -18.78 17.25
CA ILE B 223 21.27 -17.68 17.82
C ILE B 223 22.06 -16.90 18.87
N LYS B 224 22.69 -17.61 19.80
CA LYS B 224 23.45 -16.96 20.83
C LYS B 224 24.68 -16.24 20.29
N LYS B 225 25.28 -16.80 19.23
CA LYS B 225 26.46 -16.17 18.63
C LYS B 225 26.11 -14.90 17.85
N ILE B 226 24.87 -14.78 17.40
CA ILE B 226 24.42 -13.58 16.70
C ILE B 226 24.17 -12.55 17.77
N ASN B 227 23.51 -12.98 18.85
CA ASN B 227 23.22 -12.10 19.98
C ASN B 227 24.51 -11.45 20.48
N GLN B 228 25.56 -12.26 20.59
CA GLN B 228 26.85 -11.77 21.07
C GLN B 228 27.47 -10.86 20.03
N GLY B 229 27.26 -11.20 18.75
CA GLY B 229 27.80 -10.38 17.68
C GLY B 229 27.22 -8.98 17.78
N PHE B 230 25.94 -8.87 18.12
CA PHE B 230 25.31 -7.55 18.23
C PHE B 230 26.06 -6.73 19.29
N GLU B 231 26.24 -7.32 20.47
CA GLU B 231 26.93 -6.65 21.56
C GLU B 231 28.33 -6.21 21.13
N THR B 232 29.06 -7.13 20.54
CA THR B 232 30.42 -6.86 20.08
C THR B 232 30.45 -5.65 19.15
N LEU B 233 29.54 -5.62 18.19
CA LEU B 233 29.46 -4.51 17.24
C LEU B 233 29.06 -3.20 17.91
N TYR B 234 28.21 -3.29 18.92
CA TYR B 234 27.77 -2.09 19.62
C TYR B 234 28.87 -1.54 20.50
N LYS B 235 29.78 -2.40 20.92
CA LYS B 235 30.87 -1.98 21.79
C LYS B 235 32.06 -1.47 21.00
N ASN B 236 32.22 -1.91 19.75
CA ASN B 236 33.32 -1.41 18.95
C ASN B 236 32.84 -0.25 18.08
N GLY B 237 31.56 0.10 18.23
CA GLY B 237 30.99 1.21 17.49
C GLY B 237 30.45 0.93 16.09
N GLU B 238 30.59 -0.31 15.64
CA GLU B 238 30.11 -0.69 14.30
C GLU B 238 28.60 -0.56 14.14
N PHE B 239 27.85 -1.07 15.11
CA PHE B 239 26.40 -1.02 15.07
C PHE B 239 25.92 0.41 14.86
N GLN B 240 26.49 1.34 15.63
CA GLN B 240 26.11 2.73 15.54
C GLN B 240 26.39 3.34 14.18
N LYS B 241 27.52 2.97 13.58
CA LYS B 241 27.88 3.46 12.25
C LYS B 241 26.86 3.01 11.22
N ILE B 242 26.59 1.70 11.20
CA ILE B 242 25.62 1.13 10.28
C ILE B 242 24.27 1.79 10.50
N SER B 243 23.86 1.87 11.76
CA SER B 243 22.58 2.45 12.12
C SER B 243 22.45 3.88 11.63
N ASN B 244 23.51 4.66 11.82
CA ASN B 244 23.54 6.05 11.40
C ASN B 244 23.45 6.18 9.88
N LYS B 245 24.20 5.31 9.19
CA LYS B 245 24.21 5.32 7.73
C LYS B 245 22.80 5.19 7.17
N TRP B 246 22.03 4.28 7.73
CA TRP B 246 20.67 4.02 7.28
C TRP B 246 19.55 4.86 7.88
N PHE B 247 19.64 5.17 9.17
CA PHE B 247 18.56 5.92 9.81
C PHE B 247 18.87 7.30 10.40
N GLY B 248 20.15 7.67 10.42
CA GLY B 248 20.52 8.97 10.97
C GLY B 248 20.35 9.01 12.47
N GLU B 249 20.14 7.83 13.07
CA GLU B 249 19.96 7.68 14.51
C GLU B 249 20.44 6.32 14.96
N ASP B 250 20.58 6.16 16.28
CA ASP B 250 20.98 4.89 16.87
C ASP B 250 19.68 4.18 17.21
N VAL B 251 19.39 3.10 16.50
CA VAL B 251 18.17 2.34 16.67
C VAL B 251 18.34 1.10 17.54
N ALA B 252 19.54 0.89 18.06
CA ALA B 252 19.83 -0.27 18.90
C ALA B 252 18.85 -0.42 20.06
N THR B 253 18.43 -1.65 20.32
CA THR B 253 17.52 -1.92 21.42
C THR B 253 18.37 -1.99 22.69
N ASP B 254 17.71 -2.00 23.85
CA ASP B 254 18.43 -2.09 25.10
C ASP B 254 19.23 -3.38 25.09
N GLN B 255 18.66 -4.43 24.51
CA GLN B 255 19.31 -5.73 24.43
C GLN B 255 20.63 -5.69 23.67
N VAL B 256 20.70 -4.86 22.62
CA VAL B 256 21.92 -4.75 21.84
C VAL B 256 22.97 -3.96 22.62
N LYS B 257 22.50 -3.00 23.40
CA LYS B 257 23.38 -2.15 24.20
C LYS B 257 23.93 -2.92 25.39
N HIS B 263 -18.65 3.62 -3.19
CA HIS B 263 -19.61 2.86 -3.99
C HIS B 263 -20.04 1.60 -3.23
#